data_5WMR
#
_entry.id   5WMR
#
_cell.length_a   50.637
_cell.length_b   81.520
_cell.length_c   110.900
_cell.angle_alpha   90.000
_cell.angle_beta   90.000
_cell.angle_gamma   90.000
#
_symmetry.space_group_name_H-M   'P 21 21 21'
#
loop_
_entity.id
_entity.type
_entity.pdbx_description
1 polymer 'HLA class I histocompatibility antigen, B-8 alpha chain'
2 polymer Beta-2-microglobulin
3 polymer 'QIK peptide from CMV'
4 water water
#
loop_
_entity_poly.entity_id
_entity_poly.type
_entity_poly.pdbx_seq_one_letter_code
_entity_poly.pdbx_strand_id
1 'polypeptide(L)'
;GSHSMRYFDTAMSRPGRGEPRFISVGYVDDTQFVRFDSDAASPREEPRAPWIEQEGPEYWDRNTQIFKTNTQTDRESLRN
LRGYYNQSEAGSHTLQSMYGCDVGPDGRLLRGHNQYAYDGKDYIALNEDLRSWTAADTAAQITQRKWEAARVAEQDRAYL
EGTCVEWLRRYLENGKDTLERADPPKTHVTHHPISDHEATLRCWALGFYPAEITLTWQRDGEDQTQDTELVETRPAGDRT
FQKWAAVVVPSGEEQRYTCHVQHEGLPKPLTLRWEP
;
A
2 'polypeptide(L)'
;MIQRTPKIQVYSRHPAENGKSNFLNCYVSGFHPSDIEVDLLKNGERIEKVEHSDLSFSKDWSFYLLYYTEFTPTEKDEYA
CRVNHVTLSQPKIVKWDRDM
;
B
3 'polypeptide(L)' QIKVRVDMV C
#
# COMPACT_ATOMS: atom_id res chain seq x y z
N GLY A 1 2.21 -20.91 -1.77
CA GLY A 1 1.73 -20.65 -0.41
C GLY A 1 0.34 -20.03 -0.36
N SER A 2 0.11 -19.19 0.66
CA SER A 2 -1.16 -18.50 0.87
C SER A 2 -1.28 -17.28 0.00
N HIS A 3 -2.54 -16.92 -0.36
CA HIS A 3 -2.78 -15.77 -1.21
C HIS A 3 -3.98 -14.96 -0.75
N SER A 4 -4.06 -13.73 -1.22
CA SER A 4 -5.19 -12.88 -0.86
C SER A 4 -5.62 -12.10 -2.12
N MET A 5 -6.92 -11.75 -2.16
CA MET A 5 -7.43 -10.82 -3.12
C MET A 5 -8.06 -9.71 -2.32
N ARG A 6 -7.78 -8.46 -2.71
CA ARG A 6 -8.32 -7.29 -2.03
C ARG A 6 -8.62 -6.17 -2.99
N TYR A 7 -9.72 -5.45 -2.73
CA TYR A 7 -10.03 -4.22 -3.44
C TYR A 7 -9.92 -3.12 -2.42
N PHE A 8 -9.31 -1.99 -2.85
CA PHE A 8 -9.08 -0.83 -2.01
C PHE A 8 -9.80 0.30 -2.68
N ASP A 9 -10.93 0.70 -2.10
CA ASP A 9 -11.82 1.70 -2.67
C ASP A 9 -11.77 3.04 -1.93
N THR A 10 -11.69 4.15 -2.69
CA THR A 10 -11.68 5.48 -2.11
C THR A 10 -12.69 6.37 -2.84
N ALA A 11 -13.65 6.93 -2.08
CA ALA A 11 -14.63 7.90 -2.58
C ALA A 11 -14.34 9.22 -1.86
N MET A 12 -14.06 10.30 -2.62
CA MET A 12 -13.71 11.56 -2.00
C MET A 12 -14.52 12.71 -2.56
N SER A 13 -15.29 13.37 -1.69
CA SER A 13 -16.03 14.52 -2.16
C SER A 13 -15.08 15.72 -2.36
N ARG A 14 -15.52 16.66 -3.18
CA ARG A 14 -14.73 17.85 -3.52
C ARG A 14 -15.74 18.99 -3.86
N PRO A 15 -16.43 19.52 -2.82
CA PRO A 15 -17.44 20.56 -3.07
C PRO A 15 -16.98 21.67 -4.00
N GLY A 16 -17.75 21.91 -5.05
CA GLY A 16 -17.45 22.99 -6.00
C GLY A 16 -16.57 22.56 -7.16
N ARG A 17 -16.07 21.29 -7.10
CA ARG A 17 -15.20 20.73 -8.14
C ARG A 17 -15.75 19.44 -8.72
N GLY A 18 -17.07 19.41 -8.87
CA GLY A 18 -17.78 18.29 -9.45
C GLY A 18 -18.19 17.26 -8.41
N GLU A 19 -18.60 16.13 -8.92
CA GLU A 19 -19.04 15.01 -8.10
C GLU A 19 -17.84 14.30 -7.45
N PRO A 20 -18.06 13.52 -6.35
CA PRO A 20 -16.93 12.84 -5.69
C PRO A 20 -16.16 11.90 -6.58
N ARG A 21 -14.81 11.97 -6.51
CA ARG A 21 -13.98 11.04 -7.27
C ARG A 21 -14.09 9.68 -6.59
N PHE A 22 -14.22 8.63 -7.38
CA PHE A 22 -14.25 7.25 -6.89
C PHE A 22 -13.20 6.45 -7.61
N ILE A 23 -12.36 5.72 -6.84
CA ILE A 23 -11.31 4.87 -7.39
C ILE A 23 -11.35 3.54 -6.67
N SER A 24 -11.34 2.43 -7.45
CA SER A 24 -11.33 1.10 -6.85
C SER A 24 -10.09 0.40 -7.46
N VAL A 25 -9.17 -0.09 -6.63
N VAL A 25 -9.18 -0.10 -6.61
CA VAL A 25 -8.00 -0.82 -7.18
CA VAL A 25 -7.94 -0.77 -7.06
C VAL A 25 -8.05 -2.23 -6.63
C VAL A 25 -7.97 -2.22 -6.59
N GLY A 26 -7.80 -3.18 -7.51
CA GLY A 26 -7.78 -4.59 -7.14
C GLY A 26 -6.38 -5.14 -7.12
N TYR A 27 -6.12 -5.98 -6.12
CA TYR A 27 -4.83 -6.63 -5.93
C TYR A 27 -4.98 -8.11 -5.70
N VAL A 28 -3.96 -8.89 -6.16
CA VAL A 28 -3.76 -10.28 -5.74
C VAL A 28 -2.42 -10.17 -5.00
N ASP A 29 -2.40 -10.44 -3.68
CA ASP A 29 -1.17 -10.24 -2.86
C ASP A 29 -0.70 -8.79 -3.09
N ASP A 30 0.57 -8.57 -3.49
CA ASP A 30 1.13 -7.23 -3.70
C ASP A 30 1.17 -6.81 -5.15
N THR A 31 0.31 -7.46 -5.97
CA THR A 31 0.24 -7.21 -7.41
C THR A 31 -1.09 -6.53 -7.74
N GLN A 32 -1.05 -5.27 -8.19
CA GLN A 32 -2.28 -4.62 -8.63
C GLN A 32 -2.65 -5.27 -9.96
N PHE A 33 -3.92 -5.62 -10.13
CA PHE A 33 -4.38 -6.20 -11.42
C PHE A 33 -5.43 -5.39 -12.14
N VAL A 34 -6.09 -4.45 -11.43
CA VAL A 34 -7.11 -3.63 -12.04
C VAL A 34 -7.26 -2.29 -11.31
N ARG A 35 -7.65 -1.24 -12.07
CA ARG A 35 -7.98 0.05 -11.53
C ARG A 35 -9.21 0.57 -12.26
N PHE A 36 -10.19 1.07 -11.48
CA PHE A 36 -11.35 1.75 -12.03
C PHE A 36 -11.34 3.12 -11.39
N ASP A 37 -11.36 4.17 -12.21
CA ASP A 37 -11.32 5.53 -11.68
C ASP A 37 -12.42 6.32 -12.37
N SER A 38 -13.31 6.94 -11.59
CA SER A 38 -14.40 7.76 -12.16
C SER A 38 -13.84 8.96 -12.95
N ASP A 39 -12.59 9.41 -12.65
CA ASP A 39 -11.93 10.52 -13.37
C ASP A 39 -11.21 10.06 -14.67
N ALA A 40 -11.20 8.72 -14.98
CA ALA A 40 -10.57 8.21 -16.21
C ALA A 40 -11.25 8.80 -17.48
N PRO A 50 -1.22 -8.50 -17.68
CA PRO A 50 -1.51 -9.38 -18.82
C PRO A 50 -2.55 -10.47 -18.55
N TRP A 51 -2.41 -11.23 -17.42
CA TRP A 51 -3.34 -12.31 -17.06
C TRP A 51 -4.81 -11.94 -16.88
N ILE A 52 -5.12 -10.63 -16.75
CA ILE A 52 -6.49 -10.12 -16.62
C ILE A 52 -7.20 -9.85 -17.96
N GLU A 53 -6.48 -9.32 -18.97
CA GLU A 53 -7.07 -9.02 -20.29
C GLU A 53 -7.50 -10.29 -21.04
N GLN A 54 -6.92 -11.43 -20.66
CA GLN A 54 -7.22 -12.78 -21.12
C GLN A 54 -8.72 -13.11 -20.87
N GLU A 55 -9.35 -12.45 -19.87
CA GLU A 55 -10.75 -12.65 -19.46
C GLU A 55 -11.87 -12.47 -20.46
N GLY A 56 -11.75 -11.51 -21.36
CA GLY A 56 -12.77 -11.25 -22.37
C GLY A 56 -13.70 -10.09 -22.12
N PRO A 57 -14.47 -9.70 -23.16
CA PRO A 57 -15.37 -8.52 -23.04
C PRO A 57 -16.52 -8.62 -22.05
N GLU A 58 -17.12 -9.82 -21.88
CA GLU A 58 -18.23 -10.02 -20.96
C GLU A 58 -17.77 -9.72 -19.51
N TYR A 59 -16.54 -10.16 -19.16
CA TYR A 59 -15.91 -9.92 -17.85
C TYR A 59 -15.77 -8.42 -17.63
N TRP A 60 -15.15 -7.74 -18.60
CA TRP A 60 -14.92 -6.31 -18.55
C TRP A 60 -16.19 -5.52 -18.41
N ASP A 61 -17.21 -5.85 -19.21
N ASP A 61 -17.22 -5.86 -19.20
CA ASP A 61 -18.49 -5.16 -19.16
CA ASP A 61 -18.51 -5.18 -19.14
C ASP A 61 -19.19 -5.34 -17.80
C ASP A 61 -19.11 -5.32 -17.76
N ARG A 62 -19.13 -6.56 -17.21
CA ARG A 62 -19.74 -6.82 -15.91
C ARG A 62 -18.99 -6.02 -14.82
N ASN A 63 -17.67 -6.00 -14.85
CA ASN A 63 -16.88 -5.27 -13.82
C ASN A 63 -17.08 -3.78 -13.91
N THR A 64 -16.98 -3.20 -15.13
N THR A 64 -17.00 -3.20 -15.13
CA THR A 64 -17.20 -1.75 -15.30
CA THR A 64 -17.20 -1.76 -15.34
C THR A 64 -18.62 -1.38 -14.86
C THR A 64 -18.62 -1.33 -14.95
N GLN A 65 -19.64 -2.19 -15.20
CA GLN A 65 -21.02 -1.90 -14.78
C GLN A 65 -21.19 -1.90 -13.24
N ILE A 66 -20.56 -2.89 -12.55
CA ILE A 66 -20.58 -2.96 -11.08
C ILE A 66 -19.88 -1.71 -10.50
N PHE A 67 -18.74 -1.31 -11.10
CA PHE A 67 -18.00 -0.14 -10.66
C PHE A 67 -18.87 1.12 -10.78
N LYS A 68 -19.61 1.28 -11.91
CA LYS A 68 -20.51 2.43 -12.09
C LYS A 68 -21.58 2.47 -10.99
N THR A 69 -22.15 1.29 -10.64
CA THR A 69 -23.16 1.15 -9.58
C THR A 69 -22.55 1.53 -8.23
N ASN A 70 -21.35 1.00 -7.95
CA ASN A 70 -20.61 1.30 -6.71
C ASN A 70 -20.36 2.80 -6.55
N THR A 71 -20.05 3.51 -7.66
N THR A 71 -20.05 3.53 -7.66
CA THR A 71 -19.79 4.95 -7.64
CA THR A 71 -19.81 4.98 -7.60
C THR A 71 -21.05 5.69 -7.14
C THR A 71 -21.06 5.69 -7.11
N GLN A 72 -22.23 5.32 -7.68
CA GLN A 72 -23.49 5.92 -7.30
CA GLN A 72 -23.53 5.88 -7.31
C GLN A 72 -23.85 5.61 -5.83
N THR A 73 -23.60 4.36 -5.38
CA THR A 73 -23.86 3.99 -3.99
C THR A 73 -22.95 4.78 -3.05
N ASP A 74 -21.66 4.90 -3.41
CA ASP A 74 -20.72 5.63 -2.56
C ASP A 74 -21.03 7.14 -2.52
N ARG A 75 -21.49 7.70 -3.66
CA ARG A 75 -21.83 9.13 -3.70
C ARG A 75 -22.99 9.41 -2.75
N GLU A 76 -23.98 8.49 -2.71
CA GLU A 76 -25.10 8.62 -1.78
C GLU A 76 -24.64 8.39 -0.34
N SER A 77 -23.76 7.39 -0.09
CA SER A 77 -23.23 7.18 1.25
C SER A 77 -22.53 8.43 1.75
N LEU A 78 -21.73 9.12 0.88
CA LEU A 78 -21.08 10.36 1.29
C LEU A 78 -22.11 11.42 1.72
N ARG A 79 -23.24 11.51 1.00
CA ARG A 79 -24.30 12.48 1.37
C ARG A 79 -24.83 12.09 2.75
N ASN A 80 -25.14 10.79 2.95
CA ASN A 80 -25.65 10.32 4.24
C ASN A 80 -24.67 10.60 5.40
N LEU A 81 -23.38 10.32 5.18
CA LEU A 81 -22.34 10.50 6.21
C LEU A 81 -22.21 11.93 6.68
N ARG A 82 -22.31 12.91 5.74
CA ARG A 82 -22.24 14.32 6.10
C ARG A 82 -23.36 14.65 7.12
N GLY A 83 -24.56 14.13 6.85
CA GLY A 83 -25.71 14.31 7.75
C GLY A 83 -25.53 13.58 9.08
N TYR A 84 -24.96 12.34 9.06
CA TYR A 84 -24.79 11.56 10.30
C TYR A 84 -23.83 12.27 11.28
N TYR A 85 -22.90 13.08 10.76
CA TYR A 85 -21.92 13.76 11.60
C TYR A 85 -22.17 15.29 11.67
N ASN A 86 -23.37 15.72 11.26
CA ASN A 86 -23.78 17.13 11.31
C ASN A 86 -22.75 18.06 10.62
N GLN A 87 -22.18 17.58 9.51
CA GLN A 87 -21.15 18.32 8.81
C GLN A 87 -21.73 19.26 7.78
N SER A 88 -21.06 20.37 7.53
CA SER A 88 -21.47 21.32 6.50
C SER A 88 -21.18 20.74 5.08
N GLU A 89 -21.77 21.36 4.06
CA GLU A 89 -21.54 20.98 2.66
C GLU A 89 -20.19 21.53 2.14
N ALA A 90 -19.46 22.33 2.95
CA ALA A 90 -18.20 22.99 2.56
C ALA A 90 -16.96 22.13 2.45
N GLY A 91 -16.79 21.18 3.38
CA GLY A 91 -15.59 20.37 3.44
C GLY A 91 -15.56 19.17 2.53
N SER A 92 -14.34 18.68 2.25
CA SER A 92 -14.11 17.44 1.51
C SER A 92 -14.11 16.31 2.54
N HIS A 93 -14.72 15.20 2.17
CA HIS A 93 -14.77 14.00 3.03
C HIS A 93 -14.37 12.74 2.26
N THR A 94 -13.92 11.71 3.00
CA THR A 94 -13.42 10.47 2.35
C THR A 94 -14.10 9.21 2.91
N LEU A 95 -14.69 8.38 2.05
CA LEU A 95 -15.22 7.09 2.48
C LEU A 95 -14.32 6.06 1.80
N GLN A 96 -13.75 5.16 2.58
CA GLN A 96 -12.89 4.08 2.11
C GLN A 96 -13.55 2.77 2.41
N SER A 97 -13.43 1.80 1.49
CA SER A 97 -13.91 0.43 1.66
C SER A 97 -12.74 -0.49 1.28
N MET A 98 -12.59 -1.61 2.00
CA MET A 98 -11.55 -2.58 1.72
C MET A 98 -12.19 -3.95 1.93
N TYR A 99 -12.14 -4.79 0.90
CA TYR A 99 -12.79 -6.11 1.02
C TYR A 99 -12.01 -7.17 0.24
N GLY A 100 -12.20 -8.41 0.59
CA GLY A 100 -11.53 -9.50 -0.12
C GLY A 100 -11.46 -10.75 0.71
N CYS A 101 -10.70 -11.69 0.20
CA CYS A 101 -10.60 -13.00 0.83
C CYS A 101 -9.14 -13.42 0.90
N ASP A 102 -8.84 -14.28 1.85
CA ASP A 102 -7.53 -14.88 2.06
C ASP A 102 -7.74 -16.39 1.90
N VAL A 103 -6.87 -17.03 1.09
CA VAL A 103 -6.91 -18.48 0.86
C VAL A 103 -5.55 -19.09 1.19
N GLY A 104 -5.57 -20.36 1.61
CA GLY A 104 -4.37 -21.13 1.88
C GLY A 104 -3.81 -21.76 0.63
N PRO A 105 -2.70 -22.55 0.77
CA PRO A 105 -2.09 -23.23 -0.41
C PRO A 105 -3.03 -24.08 -1.27
N ASP A 106 -4.06 -24.67 -0.64
CA ASP A 106 -5.09 -25.51 -1.29
C ASP A 106 -6.22 -24.67 -1.95
N GLY A 107 -6.13 -23.33 -1.83
CA GLY A 107 -7.14 -22.44 -2.40
C GLY A 107 -8.43 -22.36 -1.61
N ARG A 108 -8.46 -22.96 -0.39
CA ARG A 108 -9.64 -22.90 0.48
C ARG A 108 -9.65 -21.61 1.28
N LEU A 109 -10.86 -21.13 1.62
CA LEU A 109 -11.02 -19.89 2.37
C LEU A 109 -10.42 -19.96 3.74
N LEU A 110 -9.54 -18.99 4.07
CA LEU A 110 -9.00 -18.83 5.41
C LEU A 110 -9.97 -17.84 6.13
N ARG A 111 -10.23 -16.66 5.52
CA ARG A 111 -11.20 -15.69 6.02
C ARG A 111 -11.52 -14.62 4.99
N GLY A 112 -12.65 -13.96 5.24
CA GLY A 112 -13.14 -12.84 4.43
C GLY A 112 -13.03 -11.53 5.18
N HIS A 113 -13.03 -10.44 4.40
CA HIS A 113 -12.94 -9.08 4.94
C HIS A 113 -13.92 -8.15 4.20
N ASN A 114 -14.54 -7.21 4.93
CA ASN A 114 -15.35 -6.17 4.34
C ASN A 114 -15.53 -5.06 5.32
N GLN A 115 -14.69 -4.03 5.17
CA GLN A 115 -14.73 -2.93 6.14
C GLN A 115 -14.70 -1.59 5.53
N TYR A 116 -15.08 -0.58 6.32
CA TYR A 116 -15.21 0.79 5.85
C TYR A 116 -14.63 1.77 6.83
N ALA A 117 -14.17 2.92 6.31
CA ALA A 117 -13.69 4.02 7.14
C ALA A 117 -14.21 5.32 6.59
N TYR A 118 -14.50 6.27 7.50
CA TYR A 118 -14.95 7.60 7.08
C TYR A 118 -13.97 8.60 7.65
N ASP A 119 -13.41 9.48 6.78
CA ASP A 119 -12.43 10.46 7.26
C ASP A 119 -11.26 9.87 8.01
N GLY A 120 -10.81 8.69 7.54
CA GLY A 120 -9.66 7.97 8.06
C GLY A 120 -9.88 7.17 9.34
N LYS A 121 -11.12 7.16 9.85
CA LYS A 121 -11.50 6.46 11.08
C LYS A 121 -12.34 5.25 10.78
N ASP A 122 -12.06 4.13 11.45
CA ASP A 122 -12.91 2.95 11.25
C ASP A 122 -14.38 3.32 11.49
N TYR A 123 -15.26 2.84 10.60
CA TYR A 123 -16.70 3.14 10.61
C TYR A 123 -17.55 1.89 10.93
N ILE A 124 -17.51 0.88 10.04
CA ILE A 124 -18.23 -0.37 10.27
C ILE A 124 -17.45 -1.48 9.55
N ALA A 125 -17.50 -2.67 10.12
CA ALA A 125 -16.82 -3.80 9.52
C ALA A 125 -17.65 -5.02 9.68
N LEU A 126 -17.60 -5.88 8.67
CA LEU A 126 -18.20 -7.19 8.74
C LEU A 126 -17.25 -8.06 9.60
N ASN A 127 -17.81 -8.73 10.62
CA ASN A 127 -17.08 -9.61 11.51
C ASN A 127 -16.57 -10.84 10.77
N GLU A 128 -15.55 -11.54 11.36
CA GLU A 128 -14.99 -12.75 10.77
C GLU A 128 -16.07 -13.80 10.44
N ASP A 129 -17.15 -13.82 11.24
CA ASP A 129 -18.25 -14.76 11.02
C ASP A 129 -18.98 -14.57 9.70
N LEU A 130 -18.80 -13.38 9.05
CA LEU A 130 -19.47 -12.97 7.80
C LEU A 130 -20.99 -12.86 7.94
N ARG A 131 -21.47 -12.66 9.21
CA ARG A 131 -22.90 -12.56 9.47
C ARG A 131 -23.27 -11.34 10.30
N SER A 132 -22.33 -10.85 11.12
CA SER A 132 -22.59 -9.73 12.03
C SER A 132 -21.64 -8.54 11.80
N TRP A 133 -22.04 -7.34 12.29
CA TRP A 133 -21.28 -6.12 12.08
C TRP A 133 -20.74 -5.58 13.41
N THR A 134 -19.61 -4.84 13.30
CA THR A 134 -19.03 -4.04 14.38
C THR A 134 -19.09 -2.60 13.92
N ALA A 135 -19.87 -1.76 14.63
CA ALA A 135 -20.08 -0.34 14.34
C ALA A 135 -19.21 0.47 15.34
N ALA A 136 -18.46 1.45 14.82
CA ALA A 136 -17.50 2.20 15.66
C ALA A 136 -18.14 3.25 16.56
N ASP A 137 -19.29 3.77 16.15
CA ASP A 137 -19.96 4.89 16.83
C ASP A 137 -21.46 4.92 16.56
N THR A 138 -22.16 5.95 17.12
CA THR A 138 -23.63 6.00 16.94
C THR A 138 -24.08 6.17 15.51
N ALA A 139 -23.25 6.79 14.64
CA ALA A 139 -23.61 6.95 13.23
C ALA A 139 -23.55 5.56 12.56
N ALA A 140 -22.45 4.80 12.80
CA ALA A 140 -22.34 3.44 12.23
C ALA A 140 -23.39 2.46 12.78
N GLN A 141 -23.98 2.77 13.95
CA GLN A 141 -25.04 1.92 14.50
C GLN A 141 -26.29 2.11 13.65
N ILE A 142 -26.48 3.32 13.07
CA ILE A 142 -27.58 3.56 12.15
C ILE A 142 -27.37 2.68 10.92
N THR A 143 -26.16 2.73 10.30
CA THR A 143 -25.86 1.88 9.14
C THR A 143 -26.07 0.38 9.47
N GLN A 144 -25.58 -0.06 10.65
CA GLN A 144 -25.72 -1.47 11.10
C GLN A 144 -27.18 -1.88 11.13
N ARG A 145 -28.03 -1.01 11.72
CA ARG A 145 -29.45 -1.28 11.77
C ARG A 145 -30.03 -1.42 10.37
N LYS A 146 -29.65 -0.54 9.39
CA LYS A 146 -30.20 -0.60 8.03
C LYS A 146 -29.73 -1.85 7.31
N TRP A 147 -28.45 -2.20 7.52
CA TRP A 147 -27.84 -3.33 6.83
C TRP A 147 -28.37 -4.66 7.37
N GLU A 148 -28.69 -4.70 8.69
CA GLU A 148 -29.30 -5.88 9.30
C GLU A 148 -30.72 -6.03 8.71
N ALA A 149 -31.49 -4.93 8.64
CA ALA A 149 -32.85 -4.99 8.04
C ALA A 149 -32.84 -5.44 6.58
N ALA A 150 -31.86 -4.94 5.77
CA ALA A 150 -31.72 -5.26 4.35
C ALA A 150 -30.92 -6.56 4.04
N ARG A 151 -30.48 -7.31 5.10
CA ARG A 151 -29.74 -8.59 4.98
C ARG A 151 -28.47 -8.47 4.08
N VAL A 152 -27.77 -7.32 4.21
CA VAL A 152 -26.57 -7.04 3.44
C VAL A 152 -25.48 -8.10 3.71
N ALA A 153 -25.30 -8.52 4.99
CA ALA A 153 -24.22 -9.48 5.33
C ALA A 153 -24.31 -10.75 4.47
N GLU A 154 -25.52 -11.30 4.27
N GLU A 154 -25.54 -11.23 4.18
CA GLU A 154 -25.70 -12.54 3.48
CA GLU A 154 -25.80 -12.41 3.37
C GLU A 154 -25.20 -12.37 2.05
C GLU A 154 -25.21 -12.28 1.97
N GLN A 155 -25.38 -11.17 1.46
N GLN A 155 -25.39 -11.10 1.33
CA GLN A 155 -24.91 -10.83 0.11
CA GLN A 155 -24.88 -10.76 0.00
C GLN A 155 -23.39 -10.71 0.11
C GLN A 155 -23.37 -10.65 0.05
N ASP A 156 -22.84 -9.96 1.07
CA ASP A 156 -21.39 -9.83 1.20
C ASP A 156 -20.75 -11.19 1.45
N ARG A 157 -21.36 -12.01 2.34
CA ARG A 157 -20.85 -13.34 2.63
C ARG A 157 -20.78 -14.19 1.37
N ALA A 158 -21.86 -14.14 0.56
CA ALA A 158 -21.93 -14.92 -0.68
C ALA A 158 -20.79 -14.59 -1.63
N TYR A 159 -20.45 -13.30 -1.75
CA TYR A 159 -19.32 -12.88 -2.56
C TYR A 159 -18.03 -13.39 -1.94
N LEU A 160 -17.84 -13.13 -0.64
CA LEU A 160 -16.58 -13.48 0.02
C LEU A 160 -16.25 -14.95 0.02
N GLU A 161 -17.26 -15.82 0.23
CA GLU A 161 -17.07 -17.28 0.26
C GLU A 161 -17.10 -17.92 -1.12
N GLY A 162 -17.84 -17.31 -2.05
CA GLY A 162 -18.02 -17.85 -3.38
C GLY A 162 -17.16 -17.15 -4.41
N THR A 163 -17.72 -16.09 -5.00
CA THR A 163 -17.11 -15.27 -6.05
C THR A 163 -15.60 -14.97 -5.82
N CYS A 164 -15.29 -14.41 -4.65
CA CYS A 164 -13.93 -13.98 -4.30
C CYS A 164 -12.95 -15.14 -4.39
N VAL A 165 -13.27 -16.27 -3.71
CA VAL A 165 -12.40 -17.45 -3.69
C VAL A 165 -12.27 -18.04 -5.10
N GLU A 166 -13.41 -18.12 -5.83
N GLU A 166 -13.39 -18.15 -5.84
CA GLU A 166 -13.48 -18.67 -7.19
CA GLU A 166 -13.39 -18.72 -7.18
C GLU A 166 -12.55 -17.90 -8.12
C GLU A 166 -12.55 -17.91 -8.18
N TRP A 167 -12.72 -16.57 -8.19
CA TRP A 167 -11.92 -15.72 -9.06
C TRP A 167 -10.45 -15.65 -8.63
N LEU A 168 -10.20 -15.63 -7.32
CA LEU A 168 -8.81 -15.64 -6.84
C LEU A 168 -8.10 -16.92 -7.38
N ARG A 169 -8.76 -18.11 -7.25
CA ARG A 169 -8.23 -19.39 -7.76
C ARG A 169 -7.92 -19.28 -9.27
N ARG A 170 -8.85 -18.68 -10.07
CA ARG A 170 -8.70 -18.50 -11.51
C ARG A 170 -7.49 -17.60 -11.82
N TYR A 171 -7.38 -16.45 -11.13
CA TYR A 171 -6.29 -15.50 -11.32
C TYR A 171 -4.94 -16.11 -11.02
N LEU A 172 -4.85 -16.92 -9.95
CA LEU A 172 -3.59 -17.58 -9.55
C LEU A 172 -3.19 -18.60 -10.59
N GLU A 173 -4.18 -19.24 -11.26
CA GLU A 173 -3.90 -20.22 -12.32
C GLU A 173 -3.40 -19.50 -13.57
N ASN A 174 -4.12 -18.46 -14.02
CA ASN A 174 -3.75 -17.65 -15.19
C ASN A 174 -2.45 -16.86 -15.01
N GLY A 175 -2.16 -16.43 -13.79
CA GLY A 175 -0.96 -15.65 -13.52
C GLY A 175 0.11 -16.38 -12.74
N LYS A 176 0.05 -17.72 -12.75
CA LYS A 176 0.94 -18.59 -11.99
C LYS A 176 2.43 -18.24 -12.03
N ASP A 177 2.96 -17.87 -13.21
CA ASP A 177 4.38 -17.54 -13.34
C ASP A 177 4.89 -16.34 -12.52
N THR A 178 4.01 -15.37 -12.21
CA THR A 178 4.38 -14.22 -11.35
C THR A 178 3.74 -14.38 -9.97
N LEU A 179 2.41 -14.64 -9.93
CA LEU A 179 1.69 -14.68 -8.64
C LEU A 179 2.19 -15.75 -7.66
N GLU A 180 2.61 -16.89 -8.22
CA GLU A 180 3.10 -18.03 -7.45
C GLU A 180 4.62 -18.03 -7.26
N ARG A 181 5.32 -17.00 -7.80
CA ARG A 181 6.76 -16.92 -7.69
C ARG A 181 7.17 -15.92 -6.62
N ALA A 182 7.96 -16.37 -5.66
CA ALA A 182 8.49 -15.50 -4.60
C ALA A 182 9.93 -15.22 -5.00
N ASP A 183 10.27 -13.93 -5.13
CA ASP A 183 11.62 -13.54 -5.49
C ASP A 183 12.38 -13.21 -4.24
N PRO A 184 13.50 -13.90 -3.97
CA PRO A 184 14.22 -13.66 -2.72
C PRO A 184 14.87 -12.29 -2.66
N PRO A 185 15.11 -11.75 -1.43
CA PRO A 185 15.87 -10.51 -1.35
C PRO A 185 17.34 -10.68 -1.74
N LYS A 186 17.89 -9.67 -2.42
CA LYS A 186 19.32 -9.59 -2.70
C LYS A 186 19.80 -8.76 -1.51
N THR A 187 20.80 -9.26 -0.78
CA THR A 187 21.20 -8.60 0.44
C THR A 187 22.65 -8.23 0.49
N HIS A 188 22.97 -7.16 1.25
CA HIS A 188 24.34 -6.70 1.55
C HIS A 188 24.32 -5.81 2.77
N VAL A 189 25.50 -5.63 3.39
CA VAL A 189 25.65 -4.77 4.56
C VAL A 189 26.64 -3.68 4.19
N THR A 190 26.26 -2.42 4.39
CA THR A 190 27.15 -1.28 4.16
C THR A 190 27.57 -0.70 5.52
N HIS A 191 28.73 -0.02 5.56
CA HIS A 191 29.32 0.59 6.75
C HIS A 191 29.51 2.07 6.48
N HIS A 192 29.03 2.91 7.40
CA HIS A 192 29.07 4.36 7.24
C HIS A 192 29.59 5.03 8.52
N PRO A 193 30.89 5.42 8.57
CA PRO A 193 31.39 6.10 9.80
C PRO A 193 30.67 7.43 10.04
N ILE A 194 30.17 7.63 11.28
CA ILE A 194 29.45 8.84 11.72
C ILE A 194 30.40 9.81 12.47
N SER A 195 31.41 9.22 13.12
CA SER A 195 32.45 9.89 13.90
C SER A 195 33.64 8.94 13.95
N ASP A 196 34.68 9.27 14.75
CA ASP A 196 35.83 8.38 14.89
C ASP A 196 35.50 7.25 15.88
N HIS A 197 34.38 7.40 16.61
CA HIS A 197 33.90 6.51 17.67
C HIS A 197 32.75 5.58 17.24
N GLU A 198 31.93 5.99 16.27
CA GLU A 198 30.78 5.18 15.84
C GLU A 198 30.62 5.11 14.33
N ALA A 199 29.88 4.08 13.88
CA ALA A 199 29.57 3.90 12.47
C ALA A 199 28.19 3.28 12.36
N THR A 200 27.55 3.44 11.20
CA THR A 200 26.24 2.85 10.95
C THR A 200 26.47 1.60 10.11
N LEU A 201 25.85 0.49 10.52
CA LEU A 201 25.81 -0.72 9.72
C LEU A 201 24.38 -0.73 9.17
N ARG A 202 24.27 -0.81 7.83
CA ARG A 202 22.98 -0.83 7.16
C ARG A 202 22.81 -2.14 6.42
N CYS A 203 21.77 -2.88 6.75
CA CYS A 203 21.49 -4.15 6.15
C CYS A 203 20.37 -3.98 5.13
N TRP A 204 20.70 -4.24 3.86
CA TRP A 204 19.82 -4.02 2.71
C TRP A 204 19.16 -5.28 2.21
N ALA A 205 17.91 -5.17 1.77
CA ALA A 205 17.18 -6.23 1.08
C ALA A 205 16.53 -5.57 -0.13
N LEU A 206 16.89 -6.04 -1.35
CA LEU A 206 16.37 -5.48 -2.59
C LEU A 206 15.82 -6.57 -3.51
N GLY A 207 14.90 -6.18 -4.39
CA GLY A 207 14.33 -7.04 -5.43
C GLY A 207 13.50 -8.23 -4.98
N PHE A 208 12.83 -8.11 -3.82
CA PHE A 208 12.03 -9.21 -3.32
C PHE A 208 10.54 -9.01 -3.59
N TYR A 209 9.84 -10.13 -3.64
CA TYR A 209 8.41 -10.22 -3.85
C TYR A 209 7.97 -11.54 -3.19
N PRO A 210 6.93 -11.53 -2.35
CA PRO A 210 6.06 -10.40 -2.00
C PRO A 210 6.71 -9.44 -1.03
N ALA A 211 5.97 -8.39 -0.63
CA ALA A 211 6.52 -7.34 0.27
C ALA A 211 6.89 -7.79 1.68
N GLU A 212 6.18 -8.81 2.22
CA GLU A 212 6.40 -9.35 3.57
C GLU A 212 7.84 -9.81 3.74
N ILE A 213 8.56 -9.23 4.73
CA ILE A 213 9.96 -9.58 5.00
C ILE A 213 10.24 -9.23 6.46
N THR A 214 11.22 -9.93 7.06
CA THR A 214 11.67 -9.63 8.41
C THR A 214 13.15 -9.34 8.29
N LEU A 215 13.56 -8.15 8.75
N LEU A 215 13.55 -8.11 8.69
CA LEU A 215 14.95 -7.70 8.69
CA LEU A 215 14.94 -7.68 8.73
C LEU A 215 15.35 -7.20 10.09
C LEU A 215 15.24 -7.32 10.17
N THR A 216 16.24 -7.95 10.77
CA THR A 216 16.62 -7.63 12.16
C THR A 216 18.12 -7.54 12.32
N TRP A 217 18.55 -6.80 13.34
CA TRP A 217 19.94 -6.74 13.74
C TRP A 217 20.00 -7.35 15.15
N GLN A 218 21.05 -8.12 15.40
CA GLN A 218 21.36 -8.69 16.71
C GLN A 218 22.78 -8.29 17.08
N ARG A 219 23.01 -8.01 18.38
CA ARG A 219 24.33 -7.73 18.94
C ARG A 219 24.54 -8.90 19.93
N ASP A 220 25.57 -9.74 19.69
CA ASP A 220 25.87 -10.92 20.51
C ASP A 220 24.64 -11.85 20.65
N GLY A 221 23.91 -12.01 19.55
CA GLY A 221 22.71 -12.84 19.46
C GLY A 221 21.48 -12.28 20.15
N GLU A 222 21.52 -11.02 20.60
CA GLU A 222 20.40 -10.34 21.25
C GLU A 222 19.77 -9.36 20.29
N ASP A 223 18.43 -9.44 20.14
CA ASP A 223 17.68 -8.53 19.26
C ASP A 223 17.85 -7.07 19.67
N GLN A 224 18.14 -6.22 18.68
CA GLN A 224 18.38 -4.79 18.83
C GLN A 224 17.17 -3.94 18.42
N THR A 225 15.95 -4.45 18.75
CA THR A 225 14.69 -3.79 18.40
C THR A 225 14.66 -2.28 18.66
N GLN A 226 15.05 -1.84 19.87
CA GLN A 226 15.05 -0.44 20.24
C GLN A 226 16.09 0.44 19.55
N ASP A 227 17.28 -0.12 19.22
CA ASP A 227 18.36 0.64 18.58
C ASP A 227 18.40 0.52 17.06
N THR A 228 17.49 -0.26 16.46
CA THR A 228 17.43 -0.42 15.02
C THR A 228 16.50 0.60 14.39
N GLU A 229 17.00 1.30 13.34
CA GLU A 229 16.17 2.18 12.52
C GLU A 229 15.73 1.27 11.35
N LEU A 230 14.42 1.05 11.22
CA LEU A 230 13.80 0.23 10.17
C LEU A 230 12.98 1.16 9.26
N VAL A 231 13.28 1.19 7.95
CA VAL A 231 12.47 2.02 7.06
C VAL A 231 11.31 1.17 6.60
N GLU A 232 10.19 1.79 6.29
CA GLU A 232 9.06 1.06 5.77
C GLU A 232 9.44 0.38 4.44
N THR A 233 8.93 -0.86 4.24
CA THR A 233 9.09 -1.57 2.96
C THR A 233 8.55 -0.65 1.82
N ARG A 234 9.33 -0.51 0.75
CA ARG A 234 9.03 0.44 -0.32
C ARG A 234 9.07 -0.20 -1.70
N PRO A 235 8.14 0.18 -2.58
CA PRO A 235 8.13 -0.43 -3.90
C PRO A 235 9.23 0.09 -4.81
N ALA A 236 9.89 -0.82 -5.55
CA ALA A 236 10.95 -0.43 -6.46
C ALA A 236 10.38 0.10 -7.80
N GLY A 237 9.18 -0.35 -8.17
CA GLY A 237 8.51 0.04 -9.41
C GLY A 237 8.48 -1.02 -10.51
N ASP A 238 9.20 -2.15 -10.32
CA ASP A 238 9.32 -3.28 -11.26
C ASP A 238 8.66 -4.57 -10.71
N ARG A 239 7.72 -4.40 -9.77
CA ARG A 239 6.99 -5.40 -8.94
C ARG A 239 7.62 -5.68 -7.58
N THR A 240 8.93 -5.48 -7.49
CA THR A 240 9.70 -5.82 -6.29
C THR A 240 9.68 -4.73 -5.23
N PHE A 241 10.16 -5.11 -4.05
CA PHE A 241 10.20 -4.21 -2.89
C PHE A 241 11.59 -4.13 -2.35
N GLN A 242 11.79 -3.14 -1.49
CA GLN A 242 13.09 -2.87 -0.83
C GLN A 242 12.87 -2.56 0.62
N LYS A 243 13.89 -2.86 1.45
CA LYS A 243 13.87 -2.51 2.86
C LYS A 243 15.29 -2.45 3.37
N TRP A 244 15.51 -1.66 4.41
CA TRP A 244 16.79 -1.62 5.11
C TRP A 244 16.61 -1.44 6.60
N ALA A 245 17.59 -1.95 7.38
CA ALA A 245 17.62 -1.84 8.83
C ALA A 245 19.00 -1.36 9.21
N ALA A 246 19.09 -0.39 10.10
CA ALA A 246 20.41 0.11 10.45
C ALA A 246 20.63 0.22 11.92
N VAL A 247 21.89 0.05 12.34
CA VAL A 247 22.27 0.17 13.74
C VAL A 247 23.51 1.01 13.83
N VAL A 248 23.66 1.79 14.90
CA VAL A 248 24.85 2.60 15.16
C VAL A 248 25.72 1.78 16.13
N VAL A 249 26.92 1.46 15.69
CA VAL A 249 27.84 0.56 16.41
C VAL A 249 29.15 1.25 16.82
N PRO A 250 29.70 0.90 17.99
CA PRO A 250 31.02 1.47 18.34
C PRO A 250 32.11 0.95 17.39
N SER A 251 33.00 1.85 16.90
CA SER A 251 34.09 1.48 16.00
C SER A 251 34.84 0.28 16.56
N GLY A 252 35.10 -0.72 15.72
CA GLY A 252 35.79 -1.94 16.13
C GLY A 252 34.92 -3.06 16.67
N GLU A 253 33.63 -2.80 16.95
CA GLU A 253 32.71 -3.80 17.47
C GLU A 253 31.76 -4.38 16.39
N GLU A 254 32.03 -4.08 15.10
CA GLU A 254 31.18 -4.51 13.97
C GLU A 254 30.87 -6.00 13.92
N GLN A 255 31.85 -6.83 14.28
CA GLN A 255 31.69 -8.29 14.22
C GLN A 255 30.76 -8.88 15.30
N ARG A 256 30.34 -8.06 16.29
CA ARG A 256 29.38 -8.52 17.30
C ARG A 256 27.95 -8.41 16.71
N TYR A 257 27.82 -7.72 15.55
CA TYR A 257 26.52 -7.48 14.92
C TYR A 257 26.22 -8.40 13.78
N THR A 258 25.00 -8.93 13.78
CA THR A 258 24.54 -9.84 12.72
C THR A 258 23.16 -9.38 12.25
N CYS A 259 23.01 -9.30 10.94
CA CYS A 259 21.71 -8.98 10.34
C CYS A 259 21.02 -10.28 9.95
N HIS A 260 19.73 -10.41 10.27
CA HIS A 260 18.98 -11.62 9.98
C HIS A 260 17.86 -11.31 9.01
N VAL A 261 17.76 -12.13 7.97
CA VAL A 261 16.75 -11.92 6.93
C VAL A 261 15.86 -13.12 6.76
N GLN A 262 14.55 -12.91 6.86
N GLN A 262 14.54 -12.89 6.86
CA GLN A 262 13.59 -13.96 6.56
CA GLN A 262 13.52 -13.90 6.66
C GLN A 262 12.66 -13.49 5.48
C GLN A 262 12.61 -13.47 5.50
N HIS A 263 12.48 -14.33 4.47
CA HIS A 263 11.60 -14.07 3.31
C HIS A 263 11.20 -15.38 2.65
N GLU A 264 9.96 -15.40 2.12
CA GLU A 264 9.38 -16.56 1.41
C GLU A 264 10.25 -17.13 0.27
N GLY A 265 10.93 -16.27 -0.49
CA GLY A 265 11.79 -16.68 -1.60
C GLY A 265 13.09 -17.36 -1.22
N LEU A 266 13.43 -17.35 0.09
CA LEU A 266 14.62 -17.97 0.69
C LEU A 266 14.23 -19.32 1.35
N PRO A 267 14.87 -20.45 0.96
CA PRO A 267 14.56 -21.74 1.61
C PRO A 267 14.98 -21.70 3.09
N LYS A 268 16.17 -21.13 3.33
CA LYS A 268 16.75 -20.92 4.64
C LYS A 268 17.07 -19.43 4.86
N PRO A 269 16.76 -18.90 6.06
CA PRO A 269 17.09 -17.49 6.37
C PRO A 269 18.58 -17.14 6.21
N LEU A 270 18.87 -15.86 6.10
CA LEU A 270 20.23 -15.41 5.95
C LEU A 270 20.70 -14.79 7.26
N THR A 271 22.00 -14.92 7.51
CA THR A 271 22.72 -14.27 8.61
C THR A 271 23.84 -13.58 7.86
N LEU A 272 23.90 -12.25 7.96
CA LEU A 272 24.90 -11.45 7.29
CA LEU A 272 24.89 -11.44 7.29
C LEU A 272 25.65 -10.59 8.29
N ARG A 273 26.91 -10.28 7.97
N ARG A 273 26.92 -10.32 8.00
CA ARG A 273 27.78 -9.41 8.76
CA ARG A 273 27.78 -9.47 8.81
C ARG A 273 28.45 -8.43 7.82
C ARG A 273 28.42 -8.49 7.85
N TRP A 274 29.05 -7.36 8.38
N TRP A 274 28.99 -7.39 8.38
CA TRP A 274 29.84 -6.38 7.64
CA TRP A 274 29.76 -6.46 7.56
C TRP A 274 31.11 -7.13 7.17
C TRP A 274 31.03 -7.21 7.14
N GLU A 275 31.41 -7.05 5.87
CA GLU A 275 32.57 -7.69 5.25
C GLU A 275 33.51 -6.60 4.69
N PRO A 276 34.49 -6.13 5.50
CA PRO A 276 35.41 -5.07 5.04
C PRO A 276 36.33 -5.52 3.91
N MET B 1 -11.02 17.41 12.04
CA MET B 1 -10.89 15.96 11.87
C MET B 1 -9.42 15.48 11.96
N ILE B 2 -9.21 14.17 12.16
CA ILE B 2 -7.85 13.63 12.26
C ILE B 2 -7.07 13.56 10.94
N GLN B 3 -5.85 14.10 10.94
CA GLN B 3 -5.00 14.12 9.75
C GLN B 3 -3.69 13.42 10.01
N ARG B 4 -3.12 12.74 8.99
CA ARG B 4 -1.82 12.08 9.15
C ARG B 4 -0.83 12.61 8.14
N THR B 5 0.36 13.03 8.64
N THR B 5 0.35 13.05 8.63
CA THR B 5 1.39 13.57 7.78
CA THR B 5 1.40 13.59 7.78
C THR B 5 2.11 12.49 6.95
C THR B 5 2.12 12.50 6.97
N PRO B 6 2.52 12.78 5.70
CA PRO B 6 3.21 11.73 4.93
C PRO B 6 4.63 11.43 5.38
N LYS B 7 4.96 10.15 5.29
CA LYS B 7 6.32 9.65 5.43
C LYS B 7 6.86 9.75 3.99
N ILE B 8 8.16 10.01 3.83
CA ILE B 8 8.75 10.24 2.52
C ILE B 8 10.04 9.48 2.39
N GLN B 9 10.17 8.71 1.30
CA GLN B 9 11.44 8.04 0.98
C GLN B 9 11.80 8.36 -0.45
N VAL B 10 13.07 8.71 -0.69
CA VAL B 10 13.62 9.02 -2.03
C VAL B 10 14.75 8.04 -2.32
N TYR B 11 14.65 7.30 -3.40
CA TYR B 11 15.57 6.21 -3.67
C TYR B 11 15.51 5.78 -5.13
N SER B 12 16.45 4.91 -5.55
CA SER B 12 16.48 4.41 -6.91
C SER B 12 15.98 2.98 -7.02
N ARG B 13 15.37 2.65 -8.19
CA ARG B 13 14.85 1.32 -8.46
C ARG B 13 15.98 0.27 -8.35
N HIS B 14 17.07 0.51 -9.11
CA HIS B 14 18.23 -0.38 -9.13
C HIS B 14 19.41 0.26 -8.35
N PRO B 15 20.42 -0.50 -7.86
CA PRO B 15 21.57 0.16 -7.17
C PRO B 15 22.17 1.23 -8.09
N ALA B 16 22.43 2.44 -7.57
CA ALA B 16 22.92 3.59 -8.34
C ALA B 16 24.33 3.38 -8.88
N GLU B 17 24.49 3.59 -10.18
CA GLU B 17 25.77 3.50 -10.90
C GLU B 17 25.86 4.72 -11.82
N ASN B 18 26.76 5.67 -11.48
CA ASN B 18 26.98 6.90 -12.25
C ASN B 18 27.10 6.61 -13.75
N GLY B 19 26.25 7.24 -14.54
CA GLY B 19 26.22 7.07 -16.00
C GLY B 19 25.31 5.98 -16.51
N LYS B 20 24.73 5.15 -15.60
CA LYS B 20 23.80 4.07 -15.99
C LYS B 20 22.34 4.45 -15.70
N SER B 21 21.46 4.34 -16.73
CA SER B 21 20.02 4.63 -16.68
C SER B 21 19.34 3.81 -15.60
N ASN B 22 18.51 4.48 -14.78
CA ASN B 22 17.83 3.89 -13.63
C ASN B 22 16.46 4.59 -13.51
N PHE B 23 15.80 4.43 -12.36
CA PHE B 23 14.54 5.11 -12.04
C PHE B 23 14.66 5.76 -10.68
N LEU B 24 14.25 7.04 -10.58
CA LEU B 24 14.24 7.80 -9.35
C LEU B 24 12.82 7.73 -8.81
N ASN B 25 12.69 7.27 -7.56
CA ASN B 25 11.41 7.09 -6.88
C ASN B 25 11.26 8.00 -5.70
N CYS B 26 10.02 8.41 -5.42
CA CYS B 26 9.67 9.10 -4.22
C CYS B 26 8.40 8.47 -3.75
N TYR B 27 8.51 7.74 -2.66
CA TYR B 27 7.39 7.01 -2.09
C TYR B 27 6.83 7.78 -0.93
N VAL B 28 5.54 8.20 -1.06
CA VAL B 28 4.86 8.96 0.01
C VAL B 28 3.85 8.01 0.61
N SER B 29 3.83 7.92 1.92
CA SER B 29 2.95 6.96 2.57
C SER B 29 2.45 7.42 3.93
N GLY B 30 1.46 6.72 4.46
CA GLY B 30 0.97 6.98 5.81
C GLY B 30 0.20 8.26 5.98
N PHE B 31 -0.27 8.86 4.85
CA PHE B 31 -0.96 10.13 4.94
C PHE B 31 -2.47 10.05 4.86
N HIS B 32 -3.14 11.08 5.40
CA HIS B 32 -4.58 11.23 5.34
C HIS B 32 -4.87 12.72 5.59
N PRO B 33 -5.74 13.38 4.80
CA PRO B 33 -6.50 12.87 3.63
C PRO B 33 -5.61 12.64 2.41
N SER B 34 -6.19 12.22 1.29
CA SER B 34 -5.48 11.77 0.09
C SER B 34 -4.82 12.80 -0.78
N ASP B 35 -5.29 14.08 -0.77
CA ASP B 35 -4.66 15.07 -1.64
C ASP B 35 -3.23 15.32 -1.22
N ILE B 36 -2.33 15.25 -2.20
CA ILE B 36 -0.90 15.45 -1.96
C ILE B 36 -0.25 15.98 -3.22
N GLU B 37 0.78 16.79 -3.03
CA GLU B 37 1.55 17.33 -4.14
CA GLU B 37 1.56 17.39 -4.10
C GLU B 37 2.97 16.80 -4.02
N VAL B 38 3.43 16.11 -5.06
CA VAL B 38 4.77 15.52 -5.02
C VAL B 38 5.53 15.93 -6.29
N ASP B 39 6.73 16.49 -6.11
CA ASP B 39 7.59 16.87 -7.25
C ASP B 39 8.93 16.20 -7.09
N LEU B 40 9.52 15.77 -8.20
CA LEU B 40 10.89 15.26 -8.20
C LEU B 40 11.75 16.40 -8.74
N LEU B 41 12.85 16.71 -8.04
CA LEU B 41 13.75 17.82 -8.39
C LEU B 41 15.11 17.32 -8.88
N LYS B 42 15.67 17.99 -9.90
CA LYS B 42 17.01 17.76 -10.43
C LYS B 42 17.72 19.12 -10.28
N ASN B 43 18.71 19.21 -9.36
CA ASN B 43 19.45 20.46 -9.06
C ASN B 43 18.49 21.61 -8.70
N GLY B 44 17.52 21.30 -7.84
CA GLY B 44 16.54 22.26 -7.33
C GLY B 44 15.35 22.55 -8.22
N GLU B 45 15.39 22.07 -9.48
CA GLU B 45 14.36 22.31 -10.49
C GLU B 45 13.44 21.12 -10.76
N ARG B 46 12.12 21.40 -10.89
CA ARG B 46 11.07 20.40 -11.13
C ARG B 46 11.29 19.58 -12.40
N ILE B 47 11.28 18.22 -12.26
CA ILE B 47 11.37 17.29 -13.38
C ILE B 47 10.00 17.22 -14.03
N GLU B 48 10.00 17.41 -15.36
CA GLU B 48 8.83 17.52 -16.21
C GLU B 48 7.89 16.36 -16.19
N LYS B 49 8.25 15.24 -16.82
CA LYS B 49 7.32 14.13 -16.87
C LYS B 49 7.65 13.03 -15.88
N VAL B 50 6.91 13.09 -14.77
CA VAL B 50 6.96 12.19 -13.62
C VAL B 50 5.63 11.45 -13.62
N GLU B 51 5.69 10.11 -13.47
CA GLU B 51 4.51 9.29 -13.44
C GLU B 51 4.20 8.94 -11.98
N HIS B 52 3.00 8.43 -11.72
CA HIS B 52 2.67 8.00 -10.37
C HIS B 52 1.79 6.77 -10.40
N SER B 53 1.82 6.01 -9.29
CA SER B 53 1.00 4.81 -9.09
C SER B 53 -0.48 5.23 -8.83
N ASP B 54 -1.40 4.27 -8.85
CA ASP B 54 -2.81 4.54 -8.56
C ASP B 54 -3.06 4.58 -7.06
N LEU B 55 -3.88 5.55 -6.64
CA LEU B 55 -4.19 5.77 -5.23
C LEU B 55 -4.70 4.52 -4.54
N SER B 56 -3.96 4.12 -3.52
CA SER B 56 -4.30 2.97 -2.69
C SER B 56 -3.98 3.28 -1.23
N PHE B 57 -4.25 2.31 -0.33
CA PHE B 57 -4.02 2.57 1.08
C PHE B 57 -3.69 1.29 1.81
N SER B 58 -3.11 1.44 2.99
N SER B 58 -3.05 1.41 2.97
CA SER B 58 -2.68 0.39 3.87
CA SER B 58 -2.67 0.28 3.78
C SER B 58 -3.81 -0.10 4.77
C SER B 58 -3.81 -0.14 4.72
N LYS B 59 -3.60 -1.22 5.50
CA LYS B 59 -4.61 -1.74 6.45
C LYS B 59 -5.11 -0.69 7.47
N ASP B 60 -4.28 0.32 7.83
CA ASP B 60 -4.66 1.35 8.77
C ASP B 60 -5.37 2.54 8.08
N TRP B 61 -5.75 2.38 6.76
CA TRP B 61 -6.46 3.37 5.92
C TRP B 61 -5.60 4.49 5.39
N SER B 62 -4.34 4.59 5.83
N SER B 62 -4.32 4.55 5.80
CA SER B 62 -3.50 5.69 5.37
CA SER B 62 -3.39 5.61 5.36
C SER B 62 -3.06 5.43 3.92
C SER B 62 -2.98 5.41 3.92
N PHE B 63 -3.00 6.51 3.14
CA PHE B 63 -2.68 6.45 1.72
C PHE B 63 -1.23 6.31 1.39
N TYR B 64 -0.96 5.76 0.19
CA TYR B 64 0.40 5.71 -0.33
C TYR B 64 0.41 5.88 -1.81
N LEU B 65 1.48 6.50 -2.31
CA LEU B 65 1.70 6.72 -3.73
C LEU B 65 3.17 6.67 -4.03
N LEU B 66 3.48 6.12 -5.21
CA LEU B 66 4.84 6.10 -5.75
C LEU B 66 4.90 7.04 -6.95
N TYR B 67 5.85 7.99 -6.89
CA TYR B 67 6.15 8.95 -7.96
C TYR B 67 7.50 8.54 -8.52
N TYR B 68 7.61 8.45 -9.84
CA TYR B 68 8.83 7.94 -10.47
C TYR B 68 9.15 8.57 -11.80
N THR B 69 10.44 8.62 -12.10
CA THR B 69 10.93 9.09 -13.40
C THR B 69 12.23 8.35 -13.75
N GLU B 70 12.47 8.20 -15.04
CA GLU B 70 13.69 7.59 -15.54
C GLU B 70 14.79 8.65 -15.45
N PHE B 71 15.93 8.32 -14.87
CA PHE B 71 17.06 9.24 -14.73
C PHE B 71 18.38 8.50 -14.89
N THR B 72 19.46 9.24 -15.18
CA THR B 72 20.80 8.67 -15.27
C THR B 72 21.61 9.42 -14.21
N PRO B 73 21.92 8.80 -13.03
CA PRO B 73 22.67 9.52 -11.99
C PRO B 73 24.12 9.81 -12.38
N THR B 74 24.71 10.84 -11.73
CA THR B 74 26.10 11.27 -11.91
C THR B 74 26.65 11.70 -10.56
N GLU B 75 27.95 12.05 -10.49
CA GLU B 75 28.55 12.53 -9.23
C GLU B 75 28.05 13.93 -8.89
N LYS B 76 27.94 14.82 -9.90
CA LYS B 76 27.53 16.23 -9.75
C LYS B 76 26.03 16.48 -9.49
N ASP B 77 25.14 15.85 -10.27
CA ASP B 77 23.69 16.03 -10.16
C ASP B 77 23.10 15.66 -8.81
N GLU B 78 22.29 16.57 -8.27
CA GLU B 78 21.60 16.37 -7.01
C GLU B 78 20.12 16.15 -7.31
N TYR B 79 19.52 15.15 -6.65
CA TYR B 79 18.10 14.85 -6.80
C TYR B 79 17.38 14.98 -5.48
N ALA B 80 16.10 15.37 -5.52
CA ALA B 80 15.30 15.53 -4.31
C ALA B 80 13.81 15.33 -4.62
N CYS B 81 13.02 15.22 -3.56
CA CYS B 81 11.57 15.08 -3.67
C CYS B 81 10.99 16.17 -2.83
N ARG B 82 10.03 16.89 -3.40
CA ARG B 82 9.39 17.97 -2.66
C ARG B 82 7.91 17.62 -2.50
N VAL B 83 7.49 17.49 -1.24
CA VAL B 83 6.14 17.09 -0.90
C VAL B 83 5.37 18.19 -0.18
N ASN B 84 4.12 18.39 -0.60
CA ASN B 84 3.23 19.28 0.12
C ASN B 84 1.93 18.52 0.46
N HIS B 85 1.38 18.80 1.64
CA HIS B 85 0.18 18.14 2.15
C HIS B 85 -0.45 19.14 3.11
N VAL B 86 -1.76 19.00 3.37
CA VAL B 86 -2.49 19.90 4.29
C VAL B 86 -1.83 19.94 5.71
N THR B 87 -1.18 18.85 6.13
CA THR B 87 -0.49 18.72 7.44
C THR B 87 0.82 19.49 7.52
N LEU B 88 1.39 19.85 6.36
CA LEU B 88 2.68 20.55 6.32
C LEU B 88 2.49 22.06 6.12
N SER B 89 3.14 22.87 6.99
CA SER B 89 3.13 24.34 6.90
C SER B 89 3.73 24.81 5.59
N GLN B 90 4.83 24.16 5.16
CA GLN B 90 5.55 24.46 3.93
C GLN B 90 6.03 23.15 3.27
N PRO B 91 6.36 23.17 1.95
CA PRO B 91 6.84 21.93 1.31
C PRO B 91 8.06 21.34 2.00
N LYS B 92 8.03 20.01 2.21
CA LYS B 92 9.11 19.25 2.82
C LYS B 92 9.99 18.70 1.67
N ILE B 93 11.31 18.94 1.74
CA ILE B 93 12.28 18.48 0.75
C ILE B 93 13.13 17.38 1.34
N VAL B 94 13.22 16.25 0.63
CA VAL B 94 14.02 15.09 1.04
C VAL B 94 15.00 14.85 -0.08
N LYS B 95 16.29 14.96 0.21
CA LYS B 95 17.34 14.75 -0.78
C LYS B 95 17.53 13.27 -1.08
N TRP B 96 17.92 12.95 -2.30
CA TRP B 96 18.26 11.58 -2.65
C TRP B 96 19.68 11.32 -2.20
N ASP B 97 19.83 10.31 -1.34
CA ASP B 97 21.10 9.85 -0.81
C ASP B 97 21.19 8.39 -1.25
N ARG B 98 22.16 8.06 -2.11
CA ARG B 98 22.28 6.69 -2.65
C ARG B 98 22.55 5.57 -1.61
N ASP B 99 22.89 5.97 -0.37
CA ASP B 99 23.14 5.11 0.78
C ASP B 99 21.87 4.91 1.62
N MET B 100 20.71 5.43 1.15
CA MET B 100 19.43 5.36 1.85
C MET B 100 18.21 4.99 0.98
N GLN C 1 -12.23 -10.01 -9.28
CA GLN C 1 -13.64 -9.74 -9.60
C GLN C 1 -14.24 -8.78 -8.56
N ILE C 2 -14.72 -7.64 -9.01
CA ILE C 2 -15.29 -6.60 -8.14
C ILE C 2 -16.60 -7.05 -7.50
N LYS C 3 -16.88 -6.57 -6.27
CA LYS C 3 -18.10 -6.90 -5.55
C LYS C 3 -19.03 -5.72 -5.66
N VAL C 4 -20.33 -5.98 -5.88
CA VAL C 4 -21.30 -4.91 -5.90
C VAL C 4 -21.60 -4.41 -4.48
N ARG C 5 -21.80 -3.11 -4.39
CA ARG C 5 -22.21 -2.31 -3.25
C ARG C 5 -23.57 -1.68 -3.67
N VAL C 6 -24.71 -2.22 -3.21
CA VAL C 6 -26.03 -1.65 -3.55
C VAL C 6 -26.65 -0.94 -2.35
N ASP C 7 -26.17 -1.28 -1.11
CA ASP C 7 -26.73 -0.61 0.04
C ASP C 7 -25.82 0.48 0.57
N MET C 8 -26.39 1.69 0.58
CA MET C 8 -25.68 2.86 1.08
CA MET C 8 -25.74 2.90 1.11
C MET C 8 -25.59 2.78 2.61
N VAL C 9 -24.63 3.52 3.18
CA VAL C 9 -24.47 3.57 4.63
C VAL C 9 -25.69 4.36 5.21
#